data_5LT6
#
_entry.id   5LT6
#
_cell.length_a   57.360
_cell.length_b   72.700
_cell.length_c   61.860
_cell.angle_alpha   90.00
_cell.angle_beta   89.77
_cell.angle_gamma   90.00
#
_symmetry.space_group_name_H-M   'P 1 21 1'
#
loop_
_entity.id
_entity.type
_entity.pdbx_description
1 polymer 'Histone-lysine N-methyltransferase SETD2'
2 non-polymer 'ZINC ION'
3 non-polymer 'THIOCYANATE ION'
4 non-polymer [(2~{S},5~{S})-1-[(2~{R},3~{S},4~{R},5~{R})-5-(6-aminopurin-9-yl)-3,4-bis(oxidanyl)oxolan-2-yl]-5-azaniumyl-6-oxidanyl-6-oxidanylidene-hexan-2-yl]-pentyl-azanium
5 water water
#
_entity_poly.entity_id   1
_entity_poly.type   'polypeptide(L)'
_entity_poly.pdbx_seq_one_letter_code
;MHHHHHHSSGRENLYFQGETSVPPGSALVGPSCVMDDFRDPQRWKECAKQGKMPCYFDLIEENVYLTERKKNKSHRDIKR
MQCECTPLSKDERAQGEIACGEDCLNRLLMIECSSRCPNGDYCSNRRFQRKQHADVEVILTEKKGWGLRAAKDLPSNTFV
LEYCGEVLDHKEFKARVKEYARNKNIHYYFMALKNDEIIDATQKGNCSRFMNHSCEPNCETQKWTVNGQLRVGFFTTKLV
PSGSELTFDYQFQRYGKEAQKCFCGSANCRGYLGGENRVSIRAAGGKMKKERSRK
;
_entity_poly.pdbx_strand_id   A,B
#
loop_
_chem_comp.id
_chem_comp.type
_chem_comp.name
_chem_comp.formula
76J non-polymer [(2~{S},5~{S})-1-[(2~{R},3~{S},4~{R},5~{R})-5-(6-aminopurin-9-yl)-3,4-bis(oxidanyl)oxolan-2-yl]-5-azaniumyl-6-oxidanyl-6-oxidanylidene-hexan-2-yl]-pentyl-azanium 'C20 H35 N7 O5 2'
SCN non-polymer 'THIOCYANATE ION' 'C N S -1'
ZN non-polymer 'ZINC ION' 'Zn 2'
#
# COMPACT_ATOMS: atom_id res chain seq x y z
N GLY A 30 -41.36 -5.72 5.78
CA GLY A 30 -42.25 -5.60 4.63
C GLY A 30 -41.95 -6.60 3.51
N PRO A 31 -41.78 -6.12 2.25
CA PRO A 31 -41.18 -6.98 1.20
C PRO A 31 -39.65 -6.93 1.12
N SER A 32 -39.06 -7.97 0.47
CA SER A 32 -37.62 -8.17 0.23
C SER A 32 -37.30 -8.30 -1.26
N CYS A 33 -36.04 -7.96 -1.68
CA CYS A 33 -35.54 -7.99 -3.08
C CYS A 33 -34.10 -8.45 -3.15
N VAL A 34 -33.83 -9.42 -4.02
CA VAL A 34 -32.46 -9.85 -4.30
C VAL A 34 -31.89 -8.92 -5.36
N MET A 35 -30.56 -8.85 -5.51
CA MET A 35 -29.91 -7.90 -6.43
C MET A 35 -30.21 -8.12 -7.93
N ASP A 36 -30.61 -9.33 -8.31
CA ASP A 36 -31.08 -9.65 -9.67
C ASP A 36 -32.40 -8.94 -10.04
N ASP A 37 -33.27 -8.68 -9.04
CA ASP A 37 -34.53 -7.93 -9.22
C ASP A 37 -34.26 -6.51 -9.78
N PHE A 38 -33.14 -5.91 -9.37
CA PHE A 38 -32.65 -4.60 -9.80
C PHE A 38 -32.04 -4.56 -11.20
N ARG A 39 -31.99 -5.71 -11.88
CA ARG A 39 -31.35 -5.82 -13.19
C ARG A 39 -32.35 -5.79 -14.33
N ASP A 40 -33.67 -5.92 -14.03
CA ASP A 40 -34.76 -5.69 -14.98
C ASP A 40 -35.44 -4.30 -14.74
N PRO A 41 -35.01 -3.22 -15.45
CA PRO A 41 -35.57 -1.87 -15.18
C PRO A 41 -37.11 -1.77 -15.30
N GLN A 42 -37.72 -2.42 -16.30
CA GLN A 42 -39.16 -2.36 -16.48
C GLN A 42 -39.94 -3.09 -15.37
N ARG A 43 -39.51 -4.30 -14.95
CA ARG A 43 -40.16 -5.02 -13.83
C ARG A 43 -39.93 -4.26 -12.50
N TRP A 44 -38.76 -3.66 -12.34
CA TRP A 44 -38.43 -2.83 -11.19
C TRP A 44 -39.36 -1.64 -11.08
N LYS A 45 -39.50 -0.84 -12.14
CA LYS A 45 -40.35 0.35 -12.14
C LYS A 45 -41.82 0.02 -11.72
N GLU A 46 -42.37 -1.13 -12.18
CA GLU A 46 -43.74 -1.54 -11.92
C GLU A 46 -43.91 -2.03 -10.45
N CYS A 47 -42.89 -2.72 -9.87
CA CYS A 47 -42.82 -3.07 -8.45
C CYS A 47 -42.74 -1.85 -7.55
N ALA A 48 -41.97 -0.78 -7.95
CA ALA A 48 -41.83 0.45 -7.15
C ALA A 48 -43.14 1.21 -7.07
N LYS A 49 -43.90 1.28 -8.18
CA LYS A 49 -45.28 1.84 -8.19
C LYS A 49 -46.22 1.08 -7.22
N GLN A 50 -45.97 -0.22 -6.96
CA GLN A 50 -46.76 -1.06 -6.08
C GLN A 50 -46.23 -1.05 -4.63
N GLY A 51 -45.11 -0.38 -4.41
CA GLY A 51 -44.36 -0.35 -3.15
C GLY A 51 -43.61 -1.61 -2.79
N LYS A 52 -43.38 -2.51 -3.77
CA LYS A 52 -42.75 -3.82 -3.54
C LYS A 52 -41.24 -3.75 -3.74
N MET A 53 -40.78 -2.64 -4.33
CA MET A 53 -39.36 -2.42 -4.53
C MET A 53 -39.11 -0.96 -4.26
N PRO A 54 -37.84 -0.61 -3.95
CA PRO A 54 -37.49 0.81 -3.82
C PRO A 54 -37.65 1.55 -5.15
N CYS A 55 -37.74 2.87 -5.03
CA CYS A 55 -37.77 3.83 -6.11
C CYS A 55 -36.71 3.51 -7.16
N TYR A 56 -37.08 3.62 -8.45
CA TYR A 56 -36.14 3.34 -9.51
C TYR A 56 -34.96 4.35 -9.48
N PHE A 57 -33.78 3.89 -9.82
CA PHE A 57 -32.63 4.76 -10.10
C PHE A 57 -31.75 4.02 -11.14
N ASP A 58 -30.82 4.74 -11.79
CA ASP A 58 -29.92 4.12 -12.76
CA ASP A 58 -29.92 4.11 -12.76
C ASP A 58 -28.86 3.30 -12.02
N LEU A 59 -28.94 1.97 -12.19
CA LEU A 59 -28.05 1.04 -11.56
C LEU A 59 -26.77 0.87 -12.34
N ILE A 60 -25.63 1.05 -11.67
CA ILE A 60 -24.30 0.81 -12.24
C ILE A 60 -23.57 -0.19 -11.32
N GLU A 61 -22.83 -1.13 -11.89
CA GLU A 61 -22.10 -2.08 -11.05
C GLU A 61 -20.59 -1.74 -10.90
N GLU A 62 -20.15 -0.69 -11.58
CA GLU A 62 -18.80 -0.13 -11.53
C GLU A 62 -18.90 1.39 -11.59
N ASN A 63 -17.96 2.09 -10.98
CA ASN A 63 -17.84 3.53 -11.08
C ASN A 63 -17.82 4.01 -12.53
N VAL A 64 -18.55 5.09 -12.83
CA VAL A 64 -18.51 5.78 -14.14
C VAL A 64 -17.79 7.11 -13.94
N TYR A 65 -16.74 7.35 -14.71
CA TYR A 65 -15.98 8.62 -14.74
C TYR A 65 -16.61 9.58 -15.74
N LEU A 66 -16.95 10.79 -15.33
CA LEU A 66 -17.58 11.79 -16.21
C LEU A 66 -16.57 12.49 -17.12
N THR A 67 -15.27 12.49 -16.72
CA THR A 67 -14.15 13.04 -17.47
C THR A 67 -13.09 11.97 -17.61
N GLU A 68 -12.59 11.78 -18.83
CA GLU A 68 -11.42 10.97 -19.17
C GLU A 68 -10.23 11.57 -18.33
N ARG A 69 -9.62 10.77 -17.48
CA ARG A 69 -8.49 11.18 -16.63
C ARG A 69 -7.12 10.95 -17.24
N MET A 81 3.10 -4.96 -8.26
CA MET A 81 3.28 -5.00 -6.80
C MET A 81 2.91 -6.39 -6.28
N GLN A 82 3.83 -7.35 -6.50
CA GLN A 82 3.63 -8.72 -6.03
CA GLN A 82 3.64 -8.73 -6.03
C GLN A 82 3.79 -8.78 -4.52
N CYS A 83 2.93 -9.54 -3.84
CA CYS A 83 3.08 -9.80 -2.42
C CYS A 83 4.24 -10.82 -2.18
N GLU A 84 4.68 -10.96 -0.92
CA GLU A 84 5.70 -11.92 -0.48
C GLU A 84 5.06 -13.28 0.00
N CYS A 85 3.77 -13.53 -0.34
CA CYS A 85 3.06 -14.77 0.01
C CYS A 85 3.69 -16.00 -0.68
N THR A 86 3.89 -17.07 0.12
CA THR A 86 4.32 -18.38 -0.42
C THR A 86 3.10 -19.02 -1.10
N PRO A 87 3.14 -19.36 -2.43
CA PRO A 87 1.97 -20.00 -3.05
C PRO A 87 1.60 -21.30 -2.32
N LEU A 88 0.32 -21.43 -1.92
CA LEU A 88 -0.15 -22.58 -1.15
C LEU A 88 -0.20 -23.86 -1.98
N SER A 89 -0.02 -25.01 -1.33
CA SER A 89 -0.11 -26.30 -2.01
C SER A 89 -1.56 -26.77 -2.00
N LYS A 90 -1.85 -27.86 -2.74
CA LYS A 90 -3.11 -28.61 -2.72
C LYS A 90 -3.45 -29.07 -1.31
N ASP A 91 -2.46 -29.64 -0.58
CA ASP A 91 -2.59 -30.09 0.82
C ASP A 91 -2.84 -28.93 1.81
N GLU A 92 -2.17 -27.79 1.63
CA GLU A 92 -2.34 -26.59 2.46
C GLU A 92 -3.74 -25.96 2.39
N ARG A 93 -4.28 -25.77 1.16
CA ARG A 93 -5.63 -25.19 0.92
C ARG A 93 -6.76 -26.07 1.46
N ALA A 94 -6.60 -27.42 1.30
CA ALA A 94 -7.50 -28.45 1.83
C ALA A 94 -7.49 -28.48 3.37
N GLN A 95 -6.32 -28.21 4.00
CA GLN A 95 -6.19 -28.20 5.45
C GLN A 95 -6.67 -26.87 6.10
N GLY A 96 -7.13 -25.92 5.28
CA GLY A 96 -7.79 -24.70 5.77
C GLY A 96 -7.05 -23.39 5.61
N GLU A 97 -5.75 -23.47 5.20
CA GLU A 97 -4.86 -22.31 4.98
C GLU A 97 -5.40 -21.34 3.89
N ILE A 98 -5.28 -20.03 4.14
CA ILE A 98 -5.83 -19.00 3.26
C ILE A 98 -4.75 -18.43 2.32
N ALA A 99 -4.97 -18.53 0.98
CA ALA A 99 -4.12 -17.92 -0.05
C ALA A 99 -4.30 -16.38 -0.04
N CYS A 100 -3.20 -15.63 0.25
CA CYS A 100 -3.25 -14.15 0.43
C CYS A 100 -4.27 -13.74 1.48
N GLY A 101 -4.21 -14.42 2.62
CA GLY A 101 -5.04 -14.18 3.79
C GLY A 101 -4.49 -13.03 4.61
N GLU A 102 -4.72 -13.06 5.93
CA GLU A 102 -4.53 -11.89 6.80
C GLU A 102 -3.11 -11.32 6.77
N ASP A 103 -2.15 -12.18 6.40
CA ASP A 103 -0.73 -11.90 6.38
C ASP A 103 -0.19 -11.36 5.03
N CYS A 104 -1.02 -11.35 3.96
CA CYS A 104 -0.65 -10.79 2.65
C CYS A 104 -0.25 -9.32 2.82
N LEU A 105 0.94 -8.96 2.33
CA LEU A 105 1.39 -7.56 2.40
C LEU A 105 0.51 -6.60 1.58
N ASN A 106 0.00 -7.08 0.42
CA ASN A 106 -0.93 -6.33 -0.43
C ASN A 106 -2.19 -6.05 0.36
N ARG A 107 -2.78 -7.11 0.94
CA ARG A 107 -3.97 -7.03 1.75
C ARG A 107 -3.82 -6.09 2.92
N LEU A 108 -2.68 -6.16 3.66
CA LEU A 108 -2.40 -5.28 4.81
C LEU A 108 -2.30 -3.84 4.36
N LEU A 109 -1.91 -3.59 3.08
CA LEU A 109 -1.81 -2.23 2.54
C LEU A 109 -3.06 -1.83 1.76
N MET A 110 -4.08 -2.67 1.80
CA MET A 110 -5.33 -2.43 1.11
C MET A 110 -5.10 -2.25 -0.39
N ILE A 111 -4.37 -3.20 -0.91
CA ILE A 111 -4.06 -3.32 -2.35
C ILE A 111 -4.52 -4.69 -2.73
N GLU A 112 -5.35 -4.80 -3.76
CA GLU A 112 -5.69 -6.14 -4.28
C GLU A 112 -4.56 -6.69 -5.08
N CYS A 113 -4.46 -8.03 -5.10
CA CYS A 113 -3.52 -8.69 -5.98
C CYS A 113 -3.97 -8.57 -7.44
N SER A 114 -3.02 -8.53 -8.38
CA SER A 114 -3.29 -8.65 -9.81
C SER A 114 -3.34 -10.13 -10.23
N SER A 115 -3.65 -10.35 -11.53
CA SER A 115 -3.60 -11.65 -12.21
C SER A 115 -2.19 -12.32 -12.15
N ARG A 116 -1.14 -11.52 -11.77
CA ARG A 116 0.26 -11.96 -11.67
C ARG A 116 0.59 -12.54 -10.25
N CYS A 117 -0.45 -12.88 -9.45
CA CYS A 117 -0.28 -13.37 -8.09
C CYS A 117 0.29 -14.78 -8.01
N PRO A 118 1.28 -15.06 -7.08
CA PRO A 118 1.77 -16.45 -6.90
C PRO A 118 0.69 -17.48 -6.56
N ASN A 119 -0.40 -17.03 -5.90
CA ASN A 119 -1.52 -17.88 -5.53
C ASN A 119 -2.56 -18.04 -6.65
N GLY A 120 -2.34 -17.35 -7.78
CA GLY A 120 -3.18 -17.40 -8.98
C GLY A 120 -4.66 -17.25 -8.69
N ASP A 121 -5.46 -18.21 -9.16
CA ASP A 121 -6.93 -18.14 -9.05
C ASP A 121 -7.43 -18.47 -7.64
N TYR A 122 -6.58 -19.02 -6.78
CA TYR A 122 -6.94 -19.34 -5.41
C TYR A 122 -6.76 -18.16 -4.45
N CYS A 123 -6.14 -17.09 -4.95
CA CYS A 123 -5.93 -15.82 -4.25
C CYS A 123 -7.30 -15.27 -3.78
N SER A 124 -7.40 -15.02 -2.46
CA SER A 124 -8.60 -14.54 -1.79
C SER A 124 -8.55 -12.99 -1.64
N ASN A 125 -7.50 -12.37 -2.19
CA ASN A 125 -7.33 -10.91 -2.16
C ASN A 125 -7.62 -10.26 -3.54
N ARG A 126 -8.64 -10.75 -4.27
CA ARG A 126 -9.10 -10.12 -5.54
C ARG A 126 -10.65 -9.91 -5.56
N ARG A 127 -11.22 -9.55 -4.41
CA ARG A 127 -12.67 -9.41 -4.15
C ARG A 127 -13.39 -8.38 -5.03
N PHE A 128 -12.80 -7.17 -5.17
CA PHE A 128 -13.39 -6.13 -6.06
C PHE A 128 -13.42 -6.62 -7.53
N GLN A 129 -12.27 -7.11 -8.06
CA GLN A 129 -12.08 -7.57 -9.45
C GLN A 129 -13.01 -8.75 -9.79
N ARG A 130 -13.11 -9.74 -8.86
CA ARG A 130 -13.92 -10.95 -9.06
C ARG A 130 -15.38 -10.73 -8.64
N LYS A 131 -15.76 -9.48 -8.32
CA LYS A 131 -17.10 -9.11 -7.82
C LYS A 131 -17.60 -10.08 -6.72
N GLN A 132 -16.71 -10.42 -5.75
CA GLN A 132 -17.05 -11.39 -4.71
C GLN A 132 -17.75 -10.72 -3.52
N HIS A 133 -18.85 -10.02 -3.79
N HIS A 133 -18.88 -10.04 -3.81
CA HIS A 133 -19.66 -9.30 -2.81
CA HIS A 133 -19.79 -9.36 -2.89
C HIS A 133 -20.49 -10.30 -1.97
C HIS A 133 -20.48 -10.36 -1.93
N ALA A 134 -20.96 -9.87 -0.79
CA ALA A 134 -21.71 -10.69 0.18
C ALA A 134 -23.13 -11.01 -0.35
N ASP A 135 -23.75 -12.10 0.15
CA ASP A 135 -25.16 -12.40 -0.13
C ASP A 135 -25.99 -11.42 0.70
N VAL A 136 -26.61 -10.43 0.01
CA VAL A 136 -27.36 -9.29 0.61
C VAL A 136 -28.75 -9.13 0.00
N GLU A 137 -29.71 -8.63 0.78
CA GLU A 137 -31.06 -8.40 0.27
C GLU A 137 -31.55 -7.01 0.65
N VAL A 138 -32.44 -6.47 -0.15
CA VAL A 138 -33.04 -5.15 0.09
C VAL A 138 -34.42 -5.34 0.72
N ILE A 139 -34.62 -4.72 1.87
CA ILE A 139 -35.82 -4.94 2.68
C ILE A 139 -36.41 -3.60 3.08
N LEU A 140 -37.72 -3.56 3.30
CA LEU A 140 -38.35 -2.35 3.78
C LEU A 140 -38.26 -2.37 5.29
N THR A 141 -37.69 -1.30 5.88
CA THR A 141 -37.63 -1.17 7.35
C THR A 141 -38.92 -0.40 7.83
N GLU A 142 -39.17 -0.41 9.14
CA GLU A 142 -40.30 0.25 9.77
C GLU A 142 -40.23 1.79 9.68
N LYS A 143 -39.03 2.38 9.88
CA LYS A 143 -38.88 3.83 10.02
C LYS A 143 -37.84 4.45 9.12
N LYS A 144 -36.96 3.63 8.51
CA LYS A 144 -35.83 4.18 7.76
C LYS A 144 -35.89 3.97 6.24
N GLY A 145 -37.04 3.66 5.69
CA GLY A 145 -37.19 3.34 4.28
C GLY A 145 -36.65 1.97 3.97
N TRP A 146 -36.09 1.80 2.78
CA TRP A 146 -35.48 0.56 2.34
C TRP A 146 -34.07 0.48 2.95
N GLY A 147 -33.67 -0.74 3.24
CA GLY A 147 -32.41 -1.08 3.90
C GLY A 147 -31.78 -2.29 3.27
N LEU A 148 -30.57 -2.61 3.67
CA LEU A 148 -29.77 -3.75 3.19
C LEU A 148 -29.67 -4.74 4.35
N ARG A 149 -29.96 -6.01 4.13
CA ARG A 149 -29.66 -6.99 5.16
C ARG A 149 -28.79 -8.16 4.67
N ALA A 150 -28.07 -8.78 5.62
CA ALA A 150 -27.25 -9.97 5.36
C ALA A 150 -28.19 -11.16 5.11
N ALA A 151 -28.02 -11.80 3.98
CA ALA A 151 -28.84 -12.98 3.65
C ALA A 151 -28.18 -14.29 4.11
N LYS A 152 -26.91 -14.22 4.55
CA LYS A 152 -26.11 -15.29 5.18
C LYS A 152 -25.33 -14.63 6.33
N ASP A 153 -24.74 -15.42 7.26
CA ASP A 153 -23.85 -14.87 8.26
C ASP A 153 -22.61 -14.32 7.58
N LEU A 154 -22.17 -13.11 7.99
CA LEU A 154 -20.98 -12.51 7.38
C LEU A 154 -19.96 -12.35 8.45
N PRO A 155 -18.82 -13.07 8.34
CA PRO A 155 -17.74 -12.88 9.33
C PRO A 155 -17.24 -11.42 9.34
N SER A 156 -16.52 -11.04 10.36
CA SER A 156 -15.90 -9.73 10.48
C SER A 156 -14.95 -9.52 9.26
N ASN A 157 -14.79 -8.27 8.82
CA ASN A 157 -14.02 -7.88 7.66
C ASN A 157 -14.43 -8.59 6.32
N THR A 158 -15.72 -8.89 6.13
CA THR A 158 -16.26 -9.41 4.87
C THR A 158 -16.53 -8.26 3.92
N PHE A 159 -16.08 -8.37 2.66
CA PHE A 159 -16.50 -7.41 1.61
C PHE A 159 -18.01 -7.51 1.43
N VAL A 160 -18.72 -6.41 1.59
CA VAL A 160 -20.20 -6.39 1.44
C VAL A 160 -20.54 -6.07 -0.02
N LEU A 161 -20.25 -4.81 -0.45
CA LEU A 161 -20.55 -4.28 -1.81
C LEU A 161 -19.63 -3.12 -1.96
N GLU A 162 -19.34 -2.76 -3.21
CA GLU A 162 -18.63 -1.55 -3.56
C GLU A 162 -19.53 -0.32 -3.37
N TYR A 163 -18.95 0.80 -2.91
CA TYR A 163 -19.61 2.09 -2.98
C TYR A 163 -19.44 2.62 -4.44
N CYS A 164 -20.47 2.43 -5.28
CA CYS A 164 -20.46 2.84 -6.70
C CYS A 164 -21.16 4.19 -6.93
N GLY A 165 -20.73 4.91 -7.96
CA GLY A 165 -21.37 6.15 -8.34
C GLY A 165 -20.65 6.77 -9.50
N GLU A 166 -21.01 8.00 -9.81
CA GLU A 166 -20.31 8.81 -10.81
C GLU A 166 -19.13 9.43 -10.16
N VAL A 167 -17.95 9.30 -10.77
CA VAL A 167 -16.75 9.91 -10.23
C VAL A 167 -16.56 11.30 -10.87
N LEU A 168 -16.47 12.31 -10.02
CA LEU A 168 -16.44 13.70 -10.38
C LEU A 168 -15.06 14.25 -10.14
N ASP A 169 -14.58 15.16 -11.01
CA ASP A 169 -13.43 15.98 -10.68
C ASP A 169 -13.84 17.25 -9.90
N HIS A 170 -12.85 18.11 -9.57
N HIS A 170 -12.88 18.13 -9.55
CA HIS A 170 -12.97 19.40 -8.88
CA HIS A 170 -13.14 19.37 -8.79
C HIS A 170 -14.16 20.23 -9.38
C HIS A 170 -14.26 20.22 -9.38
N LYS A 171 -14.15 20.51 -10.69
CA LYS A 171 -15.07 21.38 -11.39
C LYS A 171 -16.50 20.78 -11.43
N GLU A 172 -16.63 19.46 -11.75
CA GLU A 172 -17.91 18.76 -11.77
CA GLU A 172 -17.96 18.88 -11.77
C GLU A 172 -18.52 18.69 -10.36
N PHE A 173 -17.65 18.46 -9.35
CA PHE A 173 -18.13 18.39 -7.97
C PHE A 173 -18.71 19.77 -7.56
N LYS A 174 -17.95 20.87 -7.82
CA LYS A 174 -18.34 22.25 -7.55
C LYS A 174 -19.68 22.59 -8.21
N ALA A 175 -19.86 22.28 -9.53
CA ALA A 175 -21.14 22.42 -10.28
C ALA A 175 -22.27 21.58 -9.67
N ARG A 176 -21.97 20.37 -9.23
CA ARG A 176 -22.98 19.50 -8.62
C ARG A 176 -23.46 19.98 -7.26
N VAL A 177 -22.52 20.31 -6.33
CA VAL A 177 -22.83 20.97 -5.03
C VAL A 177 -23.81 22.19 -5.25
N LYS A 178 -23.51 23.07 -6.23
CA LYS A 178 -24.30 24.24 -6.64
C LYS A 178 -25.71 23.85 -7.16
N GLU A 179 -25.80 22.81 -8.00
CA GLU A 179 -27.03 22.30 -8.56
C GLU A 179 -27.87 21.69 -7.44
N TYR A 180 -27.24 20.95 -6.51
CA TYR A 180 -27.95 20.33 -5.38
C TYR A 180 -28.53 21.36 -4.39
N ALA A 181 -27.80 22.48 -4.17
CA ALA A 181 -28.16 23.62 -3.30
C ALA A 181 -29.33 24.47 -3.85
N ARG A 182 -30.02 23.96 -4.88
CA ARG A 182 -31.20 24.57 -5.51
C ARG A 182 -32.38 23.59 -5.42
N ASN A 183 -32.18 22.33 -5.86
CA ASN A 183 -33.14 21.22 -5.86
C ASN A 183 -33.78 21.00 -4.48
N LYS A 184 -32.96 21.03 -3.38
CA LYS A 184 -33.34 21.05 -1.93
C LYS A 184 -34.04 19.78 -1.39
N ASN A 185 -34.83 19.08 -2.24
CA ASN A 185 -35.45 17.78 -1.99
C ASN A 185 -34.45 16.64 -2.26
N ILE A 186 -33.34 16.98 -2.94
CA ILE A 186 -32.22 16.08 -3.25
C ILE A 186 -31.39 15.77 -1.99
N HIS A 187 -31.16 14.47 -1.72
CA HIS A 187 -30.35 13.97 -0.61
C HIS A 187 -28.99 13.54 -1.20
N TYR A 188 -27.94 14.37 -1.02
CA TYR A 188 -26.68 14.14 -1.72
C TYR A 188 -25.72 13.28 -0.91
N TYR A 189 -25.09 12.36 -1.61
CA TYR A 189 -24.17 11.42 -1.00
C TYR A 189 -22.83 11.43 -1.77
N PHE A 190 -21.74 11.83 -1.09
CA PHE A 190 -20.40 11.89 -1.67
C PHE A 190 -19.39 11.15 -0.85
N MET A 191 -18.48 10.47 -1.57
CA MET A 191 -17.36 9.74 -1.01
C MET A 191 -16.09 10.17 -1.75
N ALA A 192 -15.22 10.85 -1.09
CA ALA A 192 -13.97 11.33 -1.67
C ALA A 192 -13.05 10.12 -1.87
N LEU A 193 -12.37 10.00 -3.00
CA LEU A 193 -11.34 8.97 -3.23
C LEU A 193 -9.99 9.65 -3.01
N LYS A 194 -9.80 10.78 -3.69
CA LYS A 194 -8.65 11.66 -3.64
C LYS A 194 -9.14 13.05 -4.02
N ASN A 195 -8.26 14.06 -4.06
CA ASN A 195 -8.72 15.43 -4.31
C ASN A 195 -9.53 15.65 -5.61
N ASP A 196 -9.02 15.24 -6.80
CA ASP A 196 -9.76 15.42 -8.06
CA ASP A 196 -9.69 15.37 -8.10
C ASP A 196 -10.66 14.21 -8.38
N GLU A 197 -10.96 13.35 -7.38
CA GLU A 197 -11.86 12.18 -7.60
C GLU A 197 -12.84 11.98 -6.50
N ILE A 198 -14.11 12.32 -6.73
CA ILE A 198 -15.15 12.23 -5.71
C ILE A 198 -16.26 11.35 -6.26
N ILE A 199 -16.63 10.33 -5.52
CA ILE A 199 -17.78 9.49 -5.92
C ILE A 199 -19.11 10.16 -5.57
N ASP A 200 -19.94 10.39 -6.55
CA ASP A 200 -21.33 10.83 -6.37
C ASP A 200 -22.32 9.68 -6.57
N ALA A 201 -22.90 9.20 -5.45
CA ALA A 201 -23.93 8.14 -5.47
C ALA A 201 -25.41 8.67 -5.44
N THR A 202 -25.60 10.00 -5.48
CA THR A 202 -26.92 10.69 -5.38
C THR A 202 -27.83 10.24 -6.50
N GLN A 203 -27.36 10.21 -7.76
CA GLN A 203 -28.20 9.87 -8.93
C GLN A 203 -28.02 8.40 -9.42
N LYS A 204 -26.76 7.96 -9.64
CA LYS A 204 -26.45 6.58 -10.05
C LYS A 204 -25.65 5.83 -8.96
N GLY A 205 -25.80 4.52 -8.92
CA GLY A 205 -25.15 3.71 -7.89
C GLY A 205 -25.56 2.27 -8.01
N ASN A 206 -25.31 1.50 -6.96
CA ASN A 206 -25.71 0.08 -6.89
C ASN A 206 -26.44 -0.03 -5.54
N CYS A 207 -26.68 -1.24 -5.01
CA CYS A 207 -27.52 -1.44 -3.85
C CYS A 207 -26.92 -0.94 -2.52
N SER A 208 -25.69 -0.50 -2.52
CA SER A 208 -25.09 0.19 -1.37
C SER A 208 -25.79 1.52 -1.08
N ARG A 209 -26.55 2.08 -2.09
CA ARG A 209 -27.56 3.15 -1.80
C ARG A 209 -28.55 2.85 -0.70
N PHE A 210 -28.83 1.58 -0.45
CA PHE A 210 -29.77 1.18 0.61
C PHE A 210 -29.15 1.00 1.98
N MET A 211 -27.84 1.17 2.13
CA MET A 211 -27.13 1.05 3.42
C MET A 211 -27.52 2.19 4.36
N ASN A 212 -28.30 1.86 5.44
CA ASN A 212 -28.75 2.90 6.36
C ASN A 212 -27.64 3.29 7.38
N HIS A 213 -27.89 4.35 8.13
CA HIS A 213 -26.94 4.88 9.06
C HIS A 213 -27.16 4.23 10.35
N SER A 214 -26.07 3.92 11.06
CA SER A 214 -26.23 3.68 12.49
C SER A 214 -25.17 4.36 13.29
N CYS A 215 -25.51 4.72 14.51
CA CYS A 215 -24.57 5.27 15.50
C CYS A 215 -23.67 4.17 16.11
N GLU A 216 -24.10 2.91 16.04
CA GLU A 216 -23.29 1.76 16.43
C GLU A 216 -23.30 0.81 15.20
N PRO A 217 -22.51 1.13 14.16
CA PRO A 217 -22.63 0.40 12.89
C PRO A 217 -21.99 -0.97 12.84
N ASN A 218 -22.31 -1.77 11.83
CA ASN A 218 -21.68 -3.08 11.72
C ASN A 218 -20.82 -3.19 10.44
N CYS A 219 -20.77 -2.11 9.65
CA CYS A 219 -19.93 -1.96 8.44
C CYS A 219 -19.16 -0.68 8.51
N GLU A 220 -18.06 -0.62 7.75
CA GLU A 220 -17.27 0.59 7.51
C GLU A 220 -16.89 0.60 6.02
N THR A 221 -16.49 1.74 5.54
CA THR A 221 -15.92 1.89 4.22
C THR A 221 -14.42 1.72 4.34
N GLN A 222 -13.84 1.13 3.32
CA GLN A 222 -12.39 1.01 3.21
C GLN A 222 -12.02 1.40 1.81
N LYS A 223 -10.94 2.11 1.69
CA LYS A 223 -10.47 2.60 0.40
C LYS A 223 -9.32 1.65 -0.03
N TRP A 224 -9.45 1.04 -1.19
CA TRP A 224 -8.58 0.00 -1.69
C TRP A 224 -7.98 0.46 -3.03
N THR A 225 -6.78 -0.05 -3.35
CA THR A 225 -6.20 0.13 -4.65
C THR A 225 -6.38 -1.16 -5.43
N VAL A 226 -6.95 -1.04 -6.64
CA VAL A 226 -7.37 -2.18 -7.44
C VAL A 226 -6.86 -1.87 -8.84
N ASN A 227 -5.82 -2.66 -9.30
CA ASN A 227 -5.07 -2.42 -10.54
C ASN A 227 -4.77 -0.91 -10.80
N GLY A 228 -4.33 -0.21 -9.78
CA GLY A 228 -3.95 1.21 -9.86
C GLY A 228 -5.06 2.22 -9.61
N GLN A 229 -6.29 1.78 -9.49
CA GLN A 229 -7.44 2.67 -9.27
C GLN A 229 -7.95 2.56 -7.82
N LEU A 230 -8.24 3.70 -7.21
CA LEU A 230 -8.88 3.75 -5.89
C LEU A 230 -10.34 3.41 -6.00
N ARG A 231 -10.77 2.46 -5.15
CA ARG A 231 -12.13 2.01 -5.09
C ARG A 231 -12.56 2.00 -3.62
N VAL A 232 -13.85 2.27 -3.28
CA VAL A 232 -14.27 2.14 -1.87
C VAL A 232 -15.32 1.04 -1.76
N GLY A 233 -15.20 0.26 -0.69
CA GLY A 233 -16.09 -0.83 -0.43
C GLY A 233 -16.57 -0.74 0.99
N PHE A 234 -17.74 -1.35 1.24
CA PHE A 234 -18.27 -1.60 2.60
C PHE A 234 -17.77 -2.94 3.05
N PHE A 235 -17.28 -2.99 4.30
CA PHE A 235 -16.72 -4.17 4.91
C PHE A 235 -17.31 -4.31 6.29
N THR A 236 -17.74 -5.53 6.69
CA THR A 236 -18.28 -5.70 8.03
C THR A 236 -17.18 -5.46 9.06
N THR A 237 -17.55 -4.99 10.24
CA THR A 237 -16.60 -4.78 11.36
C THR A 237 -16.81 -5.78 12.49
N LYS A 238 -17.81 -6.67 12.32
CA LYS A 238 -18.12 -7.71 13.29
C LYS A 238 -18.81 -8.79 12.54
N LEU A 239 -19.08 -9.96 13.19
CA LEU A 239 -19.92 -10.99 12.61
C LEU A 239 -21.34 -10.45 12.53
N VAL A 240 -21.91 -10.43 11.31
CA VAL A 240 -23.25 -9.95 11.07
C VAL A 240 -24.09 -11.22 10.81
N PRO A 241 -24.95 -11.63 11.75
CA PRO A 241 -25.75 -12.84 11.52
C PRO A 241 -26.75 -12.62 10.38
N SER A 242 -27.20 -13.72 9.76
CA SER A 242 -28.16 -13.76 8.68
C SER A 242 -29.46 -13.06 9.14
N GLY A 243 -30.03 -12.21 8.29
CA GLY A 243 -31.23 -11.45 8.69
C GLY A 243 -30.94 -10.07 9.28
N SER A 244 -29.67 -9.81 9.67
CA SER A 244 -29.34 -8.54 10.34
C SER A 244 -29.16 -7.44 9.32
N GLU A 245 -29.74 -6.27 9.62
CA GLU A 245 -29.58 -5.09 8.77
C GLU A 245 -28.10 -4.68 8.77
N LEU A 246 -27.60 -4.30 7.61
CA LEU A 246 -26.23 -3.85 7.43
C LEU A 246 -26.24 -2.33 7.49
N THR A 247 -25.35 -1.78 8.33
CA THR A 247 -25.38 -0.33 8.61
C THR A 247 -23.97 0.28 8.56
N PHE A 248 -23.85 1.59 8.29
CA PHE A 248 -22.57 2.26 8.48
C PHE A 248 -22.73 3.62 9.13
N ASP A 249 -21.64 4.19 9.59
CA ASP A 249 -21.71 5.49 10.24
C ASP A 249 -21.52 6.54 9.14
N TYR A 250 -22.57 7.32 8.85
CA TYR A 250 -22.58 8.33 7.77
C TYR A 250 -21.55 9.47 7.92
N GLN A 251 -20.99 9.65 9.12
CA GLN A 251 -19.96 10.67 9.36
C GLN A 251 -18.68 10.50 8.46
N PHE A 252 -18.41 9.27 7.99
CA PHE A 252 -17.22 8.98 7.16
C PHE A 252 -17.43 9.19 5.62
N GLN A 253 -18.55 9.86 5.24
CA GLN A 253 -18.82 10.34 3.89
C GLN A 253 -19.22 11.84 3.97
N ARG A 254 -19.36 12.51 2.83
CA ARG A 254 -19.85 13.90 2.71
C ARG A 254 -21.31 13.98 2.22
N TYR A 255 -22.21 14.63 2.97
CA TYR A 255 -23.67 14.50 2.75
C TYR A 255 -24.42 15.56 3.51
N GLY A 256 -25.55 15.99 2.94
CA GLY A 256 -26.53 16.94 3.48
C GLY A 256 -26.14 17.93 4.58
N LYS A 257 -26.13 19.28 4.24
CA LYS A 257 -26.11 20.36 5.25
C LYS A 257 -27.35 20.24 6.18
N GLU A 258 -28.43 19.59 5.68
CA GLU A 258 -29.55 19.02 6.46
C GLU A 258 -29.10 17.95 7.48
N ALA A 259 -29.96 17.63 8.47
CA ALA A 259 -29.67 16.74 9.60
C ALA A 259 -30.92 15.93 9.98
N GLN A 260 -31.07 14.72 9.36
CA GLN A 260 -32.20 13.81 9.61
C GLN A 260 -32.18 13.28 11.06
N LYS A 261 -33.35 13.20 11.71
CA LYS A 261 -33.49 12.49 12.99
C LYS A 261 -33.15 10.99 12.83
N CYS A 262 -32.50 10.41 13.86
CA CYS A 262 -31.93 9.08 13.75
C CYS A 262 -32.75 7.99 14.40
N PHE A 263 -33.18 7.02 13.58
CA PHE A 263 -33.91 5.87 14.11
C PHE A 263 -33.05 4.61 14.18
N CYS A 264 -31.71 4.71 14.30
CA CYS A 264 -30.84 3.53 14.38
C CYS A 264 -31.15 2.59 15.59
N GLY A 265 -31.71 3.16 16.67
CA GLY A 265 -32.07 2.44 17.89
C GLY A 265 -30.92 1.92 18.74
N SER A 266 -29.69 2.41 18.50
CA SER A 266 -28.51 2.10 19.33
C SER A 266 -28.59 2.83 20.68
N ALA A 267 -28.12 2.13 21.74
CA ALA A 267 -27.95 2.63 23.09
C ALA A 267 -27.12 3.93 23.06
N ASN A 268 -26.15 4.00 22.20
CA ASN A 268 -25.28 5.16 21.99
C ASN A 268 -25.80 6.15 20.88
N CYS A 269 -27.10 6.10 20.46
CA CYS A 269 -27.60 6.93 19.38
C CYS A 269 -27.35 8.42 19.63
N ARG A 270 -26.83 9.11 18.63
CA ARG A 270 -26.53 10.55 18.74
C ARG A 270 -27.75 11.44 18.42
N GLY A 271 -28.93 10.81 18.17
CA GLY A 271 -30.20 11.47 17.90
C GLY A 271 -30.41 11.94 16.48
N TYR A 272 -29.33 12.25 15.74
CA TYR A 272 -29.34 12.77 14.36
C TYR A 272 -28.20 12.20 13.54
N LEU A 273 -28.40 12.15 12.18
CA LEU A 273 -27.40 12.04 11.10
C LEU A 273 -27.33 13.37 10.25
N GLY A 274 -26.38 14.25 10.61
CA GLY A 274 -26.17 15.52 9.90
C GLY A 274 -24.73 15.83 9.55
N PRO B 31 25.20 22.40 -0.35
CA PRO B 31 26.22 21.73 0.48
C PRO B 31 26.25 20.19 0.34
N SER B 32 27.39 19.58 0.71
CA SER B 32 27.66 18.14 0.74
C SER B 32 28.02 17.66 2.16
N CYS B 33 27.75 16.36 2.47
CA CYS B 33 27.98 15.69 3.77
C CYS B 33 28.51 14.28 3.59
N VAL B 34 29.61 13.98 4.27
CA VAL B 34 30.12 12.61 4.33
C VAL B 34 29.36 11.88 5.44
N MET B 35 29.36 10.54 5.44
CA MET B 35 28.59 9.74 6.41
C MET B 35 29.04 9.92 7.89
N ASP B 36 30.29 10.36 8.14
CA ASP B 36 30.78 10.70 9.48
C ASP B 36 30.07 11.92 10.11
N ASP B 37 29.60 12.87 9.25
CA ASP B 37 28.85 14.05 9.69
C ASP B 37 27.55 13.64 10.44
N PHE B 38 26.94 12.53 9.97
CA PHE B 38 25.73 11.92 10.53
C PHE B 38 25.94 11.16 11.84
N ARG B 39 27.19 11.10 12.34
CA ARG B 39 27.52 10.32 13.53
C ARG B 39 27.59 11.17 14.78
N ASP B 40 27.57 12.51 14.63
CA ASP B 40 27.45 13.45 15.76
C ASP B 40 26.00 14.05 15.80
N PRO B 41 25.05 13.47 16.61
CA PRO B 41 23.67 13.99 16.63
C PRO B 41 23.51 15.49 16.94
N GLN B 42 24.28 16.02 17.88
CA GLN B 42 24.19 17.44 18.24
C GLN B 42 24.70 18.37 17.13
N ARG B 43 25.84 18.06 16.48
CA ARG B 43 26.35 18.88 15.37
C ARG B 43 25.39 18.76 14.15
N TRP B 44 24.83 17.57 13.92
CA TRP B 44 23.86 17.33 12.88
C TRP B 44 22.60 18.17 13.06
N LYS B 45 21.98 18.15 14.26
CA LYS B 45 20.76 18.89 14.53
C LYS B 45 20.91 20.41 14.26
N GLU B 46 22.06 20.95 14.67
CA GLU B 46 22.43 22.33 14.45
C GLU B 46 22.50 22.67 12.94
N CYS B 47 23.26 21.87 12.18
CA CYS B 47 23.45 22.01 10.73
C CYS B 47 22.14 21.92 9.99
N ALA B 48 21.25 20.99 10.44
CA ALA B 48 19.91 20.80 9.92
C ALA B 48 19.08 22.07 10.02
N LYS B 49 19.07 22.75 11.19
CA LYS B 49 18.39 24.02 11.40
C LYS B 49 18.92 25.13 10.47
N GLN B 50 20.19 25.04 10.05
CA GLN B 50 20.88 26.02 9.20
C GLN B 50 20.75 25.65 7.72
N GLY B 51 20.13 24.50 7.42
CA GLY B 51 20.01 23.98 6.06
C GLY B 51 21.30 23.38 5.45
N LYS B 52 22.32 23.10 6.27
CA LYS B 52 23.60 22.58 5.81
C LYS B 52 23.66 21.07 5.81
N MET B 53 22.67 20.45 6.44
CA MET B 53 22.54 19.01 6.50
C MET B 53 21.07 18.70 6.38
N PRO B 54 20.75 17.47 5.97
CA PRO B 54 19.34 17.05 6.00
C PRO B 54 18.78 16.99 7.41
N CYS B 55 17.45 17.06 7.49
CA CYS B 55 16.62 16.83 8.65
C CYS B 55 17.12 15.68 9.53
N TYR B 56 17.18 15.89 10.85
CA TYR B 56 17.65 14.87 11.78
C TYR B 56 16.71 13.67 11.78
N PHE B 57 17.24 12.48 11.93
CA PHE B 57 16.53 11.23 12.21
C PHE B 57 17.45 10.32 13.01
N ASP B 58 16.92 9.26 13.67
CA ASP B 58 17.75 8.32 14.41
CA ASP B 58 17.77 8.32 14.42
C ASP B 58 18.51 7.42 13.45
N LEU B 59 19.83 7.56 13.42
CA LEU B 59 20.69 6.81 12.52
C LEU B 59 21.06 5.48 13.12
N ILE B 60 20.84 4.41 12.36
CA ILE B 60 21.26 3.05 12.71
C ILE B 60 22.10 2.48 11.56
N GLU B 61 23.14 1.73 11.87
CA GLU B 61 23.99 1.18 10.81
C GLU B 61 23.69 -0.32 10.54
N GLU B 62 22.84 -0.92 11.38
CA GLU B 62 22.33 -2.28 11.21
C GLU B 62 20.84 -2.28 11.56
N ASN B 63 20.07 -3.20 10.93
CA ASN B 63 18.68 -3.46 11.28
C ASN B 63 18.47 -3.64 12.77
N VAL B 64 17.40 -3.06 13.34
CA VAL B 64 16.97 -3.29 14.73
C VAL B 64 15.70 -4.10 14.68
N TYR B 65 15.68 -5.26 15.34
CA TYR B 65 14.49 -6.11 15.48
C TYR B 65 13.68 -5.72 16.68
N LEU B 66 12.39 -5.49 16.44
CA LEU B 66 11.44 -4.96 17.42
C LEU B 66 10.86 -6.06 18.30
N THR B 67 10.96 -7.33 17.83
CA THR B 67 10.61 -8.56 18.56
C THR B 67 11.76 -9.57 18.44
N ARG B 80 26.25 -24.41 8.31
CA ARG B 80 25.54 -23.27 7.73
C ARG B 80 25.63 -23.20 6.18
N MET B 81 26.84 -23.52 5.62
CA MET B 81 27.22 -23.59 4.19
C MET B 81 28.75 -23.54 3.96
N GLN B 82 29.15 -23.73 2.70
CA GLN B 82 30.43 -23.37 2.09
C GLN B 82 30.23 -23.38 0.59
N CYS B 83 30.80 -22.40 -0.12
CA CYS B 83 30.86 -22.39 -1.59
C CYS B 83 31.83 -23.42 -2.10
N GLU B 84 31.78 -23.71 -3.42
CA GLU B 84 32.68 -24.64 -4.12
C GLU B 84 33.95 -23.93 -4.69
N CYS B 85 34.24 -22.67 -4.23
CA CYS B 85 35.39 -21.89 -4.68
C CYS B 85 36.71 -22.54 -4.25
N THR B 86 37.67 -22.66 -5.18
CA THR B 86 39.05 -23.10 -4.87
C THR B 86 39.75 -21.92 -4.16
N PRO B 87 40.27 -22.10 -2.91
CA PRO B 87 40.97 -20.98 -2.24
C PRO B 87 42.14 -20.48 -3.09
N LEU B 88 42.19 -19.17 -3.35
CA LEU B 88 43.22 -18.56 -4.20
C LEU B 88 44.61 -18.58 -3.53
N SER B 89 45.67 -18.63 -4.34
CA SER B 89 47.04 -18.56 -3.82
C SER B 89 47.46 -17.09 -3.69
N LYS B 90 48.64 -16.85 -3.05
CA LYS B 90 49.33 -15.57 -2.97
C LYS B 90 49.59 -15.02 -4.38
N ASP B 91 50.07 -15.88 -5.30
CA ASP B 91 50.35 -15.54 -6.70
C ASP B 91 49.08 -15.21 -7.51
N GLU B 92 47.99 -15.96 -7.28
CA GLU B 92 46.69 -15.74 -7.95
C GLU B 92 46.04 -14.39 -7.60
N ARG B 93 45.99 -14.02 -6.29
CA ARG B 93 45.39 -12.76 -5.81
C ARG B 93 46.18 -11.53 -6.28
N ALA B 94 47.53 -11.63 -6.30
CA ALA B 94 48.47 -10.62 -6.81
C ALA B 94 48.30 -10.42 -8.33
N GLN B 95 48.00 -11.51 -9.08
CA GLN B 95 47.80 -11.45 -10.53
C GLN B 95 46.39 -10.92 -10.94
N GLY B 96 45.52 -10.65 -9.96
CA GLY B 96 44.23 -9.99 -10.18
C GLY B 96 42.98 -10.83 -10.01
N GLU B 97 43.15 -12.16 -9.79
CA GLU B 97 42.06 -13.13 -9.56
C GLU B 97 41.21 -12.79 -8.31
N ILE B 98 39.88 -12.92 -8.43
CA ILE B 98 38.94 -12.54 -7.36
C ILE B 98 38.53 -13.76 -6.51
N ALA B 99 38.80 -13.69 -5.17
CA ALA B 99 38.37 -14.67 -4.17
C ALA B 99 36.83 -14.55 -3.96
N CYS B 100 36.06 -15.64 -4.28
CA CYS B 100 34.58 -15.64 -4.26
C CYS B 100 34.00 -14.52 -5.13
N GLY B 101 34.52 -14.45 -6.35
CA GLY B 101 34.09 -13.52 -7.38
C GLY B 101 32.87 -14.01 -8.09
N GLU B 102 32.70 -13.61 -9.38
CA GLU B 102 31.41 -13.73 -10.07
C GLU B 102 30.87 -15.16 -10.13
N ASP B 103 31.76 -16.13 -10.00
CA ASP B 103 31.50 -17.55 -10.13
C ASP B 103 31.18 -18.25 -8.80
N CYS B 104 31.33 -17.54 -7.63
CA CYS B 104 30.96 -18.09 -6.31
C CYS B 104 29.49 -18.55 -6.31
N LEU B 105 29.24 -19.81 -5.92
CA LEU B 105 27.83 -20.31 -5.85
C LEU B 105 26.98 -19.58 -4.81
N ASN B 106 27.60 -19.21 -3.67
CA ASN B 106 26.98 -18.38 -2.64
C ASN B 106 26.56 -17.06 -3.23
N ARG B 107 27.51 -16.37 -3.87
CA ARG B 107 27.28 -15.09 -4.53
C ARG B 107 26.19 -15.15 -5.56
N LEU B 108 26.20 -16.20 -6.44
CA LEU B 108 25.16 -16.38 -7.46
C LEU B 108 23.78 -16.57 -6.84
N LEU B 109 23.71 -17.08 -5.60
CA LEU B 109 22.44 -17.32 -4.90
C LEU B 109 22.17 -16.22 -3.90
N MET B 110 22.97 -15.17 -3.93
CA MET B 110 22.80 -14.02 -3.07
C MET B 110 22.84 -14.44 -1.60
N ILE B 111 23.88 -15.19 -1.29
CA ILE B 111 24.21 -15.66 0.05
C ILE B 111 25.62 -15.19 0.28
N GLU B 112 25.86 -14.47 1.39
CA GLU B 112 27.23 -14.12 1.73
C GLU B 112 27.92 -15.31 2.33
N CYS B 113 29.25 -15.36 2.13
CA CYS B 113 30.05 -16.37 2.81
C CYS B 113 30.15 -16.08 4.32
N SER B 114 30.34 -17.13 5.11
CA SER B 114 30.57 -17.08 6.55
C SER B 114 32.09 -16.96 6.80
N SER B 115 32.49 -16.81 8.09
CA SER B 115 33.90 -16.84 8.55
C SER B 115 34.64 -18.18 8.26
N ARG B 116 33.86 -19.25 7.97
CA ARG B 116 34.34 -20.58 7.60
C ARG B 116 34.61 -20.76 6.06
N CYS B 117 34.78 -19.65 5.33
CA CYS B 117 35.04 -19.65 3.88
C CYS B 117 36.44 -20.16 3.54
N PRO B 118 36.60 -20.99 2.47
CA PRO B 118 37.97 -21.40 2.03
C PRO B 118 38.92 -20.24 1.71
N ASN B 119 38.36 -19.11 1.24
CA ASN B 119 39.12 -17.92 0.91
C ASN B 119 39.39 -17.01 2.12
N GLY B 120 38.88 -17.41 3.31
CA GLY B 120 39.06 -16.71 4.58
C GLY B 120 38.85 -15.21 4.50
N ASP B 121 39.85 -14.43 4.95
CA ASP B 121 39.72 -12.97 5.03
C ASP B 121 39.87 -12.29 3.65
N TYR B 122 40.32 -13.03 2.64
CA TYR B 122 40.45 -12.48 1.27
C TYR B 122 39.16 -12.58 0.46
N CYS B 123 38.17 -13.29 1.02
CA CYS B 123 36.83 -13.46 0.45
C CYS B 123 36.19 -12.10 0.23
N SER B 124 35.76 -11.84 -1.03
CA SER B 124 35.13 -10.60 -1.48
C SER B 124 33.58 -10.69 -1.43
N ASN B 125 33.07 -11.82 -0.91
CA ASN B 125 31.63 -12.05 -0.78
C ASN B 125 31.17 -11.97 0.69
N ARG B 126 31.73 -11.00 1.47
CA ARG B 126 31.28 -10.71 2.83
C ARG B 126 31.01 -9.20 3.04
N ARG B 127 30.49 -8.52 2.00
CA ARG B 127 30.28 -7.07 1.92
C ARG B 127 29.33 -6.50 3.02
N PHE B 128 28.19 -7.16 3.26
CA PHE B 128 27.26 -6.70 4.33
C PHE B 128 27.93 -6.80 5.72
N GLN B 129 28.53 -7.97 6.05
CA GLN B 129 29.18 -8.28 7.33
C GLN B 129 30.35 -7.34 7.61
N ARG B 130 31.22 -7.13 6.60
CA ARG B 130 32.42 -6.28 6.70
C ARG B 130 32.11 -4.79 6.47
N LYS B 131 30.82 -4.43 6.35
CA LYS B 131 30.32 -3.07 6.05
C LYS B 131 31.11 -2.44 4.88
N GLN B 132 31.32 -3.20 3.79
CA GLN B 132 32.14 -2.71 2.66
C GLN B 132 31.30 -1.91 1.65
N HIS B 133 30.60 -0.90 2.14
N HIS B 133 30.63 -0.87 2.16
CA HIS B 133 29.71 -0.03 1.36
CA HIS B 133 29.78 0.10 1.45
C HIS B 133 30.54 0.93 0.49
C HIS B 133 30.59 0.91 0.44
N ALA B 134 29.92 1.49 -0.58
CA ALA B 134 30.58 2.38 -1.56
C ALA B 134 30.92 3.73 -0.93
N ASP B 135 31.93 4.44 -1.47
CA ASP B 135 32.23 5.82 -1.07
C ASP B 135 31.12 6.70 -1.64
N VAL B 136 30.24 7.20 -0.75
CA VAL B 136 29.01 7.98 -1.08
C VAL B 136 28.90 9.30 -0.29
N GLU B 137 28.27 10.31 -0.88
CA GLU B 137 28.09 11.60 -0.17
C GLU B 137 26.67 12.08 -0.28
N VAL B 138 26.21 12.85 0.73
CA VAL B 138 24.87 13.42 0.76
C VAL B 138 24.92 14.85 0.27
N ILE B 139 24.14 15.17 -0.74
CA ILE B 139 24.20 16.44 -1.45
C ILE B 139 22.80 17.04 -1.56
N LEU B 140 22.70 18.35 -1.59
CA LEU B 140 21.41 18.99 -1.81
C LEU B 140 21.25 19.07 -3.32
N THR B 141 20.12 18.55 -3.85
CA THR B 141 19.83 18.67 -5.27
C THR B 141 19.01 19.96 -5.51
N GLU B 142 18.86 20.35 -6.79
CA GLU B 142 18.11 21.53 -7.20
C GLU B 142 16.58 21.42 -6.93
N LYS B 143 15.98 20.23 -7.17
CA LYS B 143 14.53 20.08 -7.12
C LYS B 143 14.07 18.92 -6.26
N LYS B 144 14.98 17.98 -5.89
CA LYS B 144 14.52 16.75 -5.22
C LYS B 144 14.90 16.63 -3.74
N GLY B 145 15.29 17.73 -3.10
CA GLY B 145 15.76 17.69 -1.72
C GLY B 145 17.16 17.13 -1.66
N TRP B 146 17.50 16.47 -0.54
CA TRP B 146 18.81 15.84 -0.37
C TRP B 146 18.84 14.52 -1.15
N GLY B 147 20.04 14.18 -1.62
CA GLY B 147 20.31 13.03 -2.48
C GLY B 147 21.61 12.37 -2.11
N LEU B 148 21.87 11.22 -2.67
CA LEU B 148 23.10 10.44 -2.49
C LEU B 148 23.93 10.51 -3.80
N ARG B 149 25.20 10.80 -3.74
CA ARG B 149 26.01 10.64 -4.94
C ARG B 149 27.25 9.79 -4.73
N ALA B 150 27.73 9.17 -5.84
CA ALA B 150 28.96 8.37 -5.85
C ALA B 150 30.16 9.32 -5.69
N ALA B 151 30.97 9.10 -4.69
CA ALA B 151 32.16 9.89 -4.47
C ALA B 151 33.40 9.31 -5.22
N LYS B 152 33.29 8.08 -5.77
CA LYS B 152 34.24 7.38 -6.65
C LYS B 152 33.45 6.71 -7.78
N ASP B 153 34.10 6.25 -8.86
CA ASP B 153 33.39 5.46 -9.88
C ASP B 153 33.02 4.11 -9.32
N LEU B 154 31.78 3.68 -9.57
CA LEU B 154 31.28 2.42 -9.04
C LEU B 154 30.97 1.50 -10.18
N PRO B 155 31.72 0.38 -10.33
CA PRO B 155 31.39 -0.60 -11.37
C PRO B 155 29.96 -1.13 -11.21
N SER B 156 29.42 -1.75 -12.26
CA SER B 156 28.11 -2.39 -12.22
C SER B 156 28.10 -3.45 -11.09
N ASN B 157 26.95 -3.72 -10.49
CA ASN B 157 26.77 -4.62 -9.37
C ASN B 157 27.69 -4.34 -8.12
N THR B 158 28.01 -3.05 -7.86
CA THR B 158 28.73 -2.62 -6.63
C THR B 158 27.72 -2.50 -5.48
N PHE B 159 28.03 -3.08 -4.31
CA PHE B 159 27.27 -2.79 -3.10
C PHE B 159 27.38 -1.30 -2.76
N VAL B 160 26.23 -0.62 -2.69
CA VAL B 160 26.20 0.82 -2.37
C VAL B 160 26.09 0.99 -0.85
N LEU B 161 24.91 0.65 -0.28
CA LEU B 161 24.58 0.77 1.16
C LEU B 161 23.50 -0.25 1.40
N GLU B 162 23.36 -0.69 2.63
CA GLU B 162 22.28 -1.50 3.12
C GLU B 162 21.01 -0.66 3.26
N TYR B 163 19.87 -1.21 2.94
CA TYR B 163 18.57 -0.64 3.32
C TYR B 163 18.30 -1.01 4.83
N CYS B 164 18.61 -0.08 5.74
CA CYS B 164 18.45 -0.29 7.19
C CYS B 164 17.15 0.27 7.76
N GLY B 165 16.66 -0.31 8.83
CA GLY B 165 15.45 0.17 9.49
C GLY B 165 15.08 -0.72 10.63
N GLU B 166 13.89 -0.49 11.20
CA GLU B 166 13.34 -1.36 12.23
C GLU B 166 12.64 -2.51 11.57
N VAL B 167 12.94 -3.73 11.97
CA VAL B 167 12.29 -4.91 11.42
C VAL B 167 11.06 -5.27 12.24
N LEU B 168 9.92 -5.29 11.59
CA LEU B 168 8.60 -5.44 12.22
C LEU B 168 8.05 -6.81 11.87
N ASP B 169 7.33 -7.43 12.80
CA ASP B 169 6.52 -8.60 12.47
C ASP B 169 5.13 -8.16 11.94
N HIS B 170 4.29 -9.12 11.55
CA HIS B 170 2.94 -8.89 11.04
C HIS B 170 2.11 -7.89 11.91
N LYS B 171 1.99 -8.18 13.24
CA LYS B 171 1.22 -7.40 14.19
C LYS B 171 1.75 -5.96 14.28
N GLU B 172 3.10 -5.78 14.43
CA GLU B 172 3.74 -4.46 14.54
CA GLU B 172 3.62 -4.42 14.57
C GLU B 172 3.56 -3.68 13.24
N PHE B 173 3.69 -4.38 12.09
CA PHE B 173 3.54 -3.74 10.79
C PHE B 173 2.11 -3.21 10.65
N LYS B 174 1.12 -4.09 10.90
CA LYS B 174 -0.31 -3.80 10.84
C LYS B 174 -0.66 -2.60 11.73
N ALA B 175 -0.14 -2.56 12.98
CA ALA B 175 -0.41 -1.46 13.92
C ALA B 175 0.21 -0.13 13.45
N ARG B 176 1.41 -0.18 12.88
CA ARG B 176 2.15 0.95 12.32
C ARG B 176 1.57 1.54 11.01
N VAL B 177 1.15 0.66 10.04
CA VAL B 177 0.31 1.02 8.88
C VAL B 177 -0.98 1.83 9.36
N LYS B 178 -1.69 1.33 10.40
CA LYS B 178 -2.82 2.01 11.05
C LYS B 178 -2.40 3.37 11.63
N GLU B 179 -1.23 3.47 12.30
CA GLU B 179 -0.79 4.76 12.86
C GLU B 179 -0.35 5.73 11.79
N TYR B 180 0.25 5.23 10.71
CA TYR B 180 0.67 6.05 9.58
C TYR B 180 -0.54 6.52 8.77
N ALA B 181 -1.58 5.66 8.63
CA ALA B 181 -2.94 6.03 8.12
C ALA B 181 -3.80 6.81 9.15
N ARG B 182 -3.16 7.77 9.86
CA ARG B 182 -3.80 8.67 10.82
C ARG B 182 -2.95 9.93 10.98
N ASN B 183 -2.02 10.14 10.04
CA ASN B 183 -1.20 11.36 9.90
C ASN B 183 -0.60 11.36 8.49
N LYS B 184 -1.23 12.16 7.58
CA LYS B 184 -0.78 12.42 6.20
C LYS B 184 0.61 13.09 6.13
N ASN B 185 1.06 13.70 7.24
CA ASN B 185 2.37 14.32 7.42
C ASN B 185 3.54 13.32 7.39
N ILE B 186 3.29 12.04 7.84
CA ILE B 186 4.21 10.88 7.83
C ILE B 186 4.25 10.18 6.43
N HIS B 187 5.46 10.11 5.87
CA HIS B 187 5.85 9.53 4.58
C HIS B 187 6.42 8.15 4.88
N TYR B 188 5.65 7.06 4.68
CA TYR B 188 6.16 5.76 5.09
C TYR B 188 7.11 5.10 4.05
N TYR B 189 8.20 4.47 4.54
CA TYR B 189 9.05 3.64 3.68
C TYR B 189 9.18 2.22 4.23
N PHE B 190 8.60 1.23 3.55
CA PHE B 190 8.76 -0.18 3.92
C PHE B 190 9.44 -0.98 2.85
N MET B 191 10.13 -2.03 3.31
CA MET B 191 10.77 -3.02 2.46
C MET B 191 10.52 -4.42 3.10
N ALA B 192 9.77 -5.25 2.41
CA ALA B 192 9.45 -6.58 2.91
C ALA B 192 10.68 -7.45 2.77
N LEU B 193 10.97 -8.27 3.77
CA LEU B 193 12.06 -9.26 3.69
C LEU B 193 11.40 -10.61 3.39
N LYS B 194 10.44 -10.95 4.24
CA LYS B 194 9.60 -12.13 4.17
C LYS B 194 8.27 -11.76 4.85
N ASN B 195 7.29 -12.66 4.86
CA ASN B 195 6.08 -12.42 5.65
C ASN B 195 6.61 -12.60 7.07
N ASP B 196 6.16 -11.74 7.96
CA ASP B 196 6.56 -11.66 9.37
C ASP B 196 7.92 -10.89 9.56
N GLU B 197 8.58 -10.45 8.47
CA GLU B 197 9.73 -9.53 8.59
C GLU B 197 9.68 -8.39 7.60
N ILE B 198 9.34 -7.19 8.06
CA ILE B 198 9.26 -6.02 7.19
C ILE B 198 10.16 -4.94 7.74
N ILE B 199 11.03 -4.41 6.89
CA ILE B 199 11.87 -3.27 7.28
C ILE B 199 11.09 -1.96 7.23
N ASP B 200 11.02 -1.27 8.36
CA ASP B 200 10.50 0.07 8.42
C ASP B 200 11.61 1.09 8.55
N ALA B 201 11.84 1.82 7.48
CA ALA B 201 12.84 2.85 7.41
C ALA B 201 12.28 4.27 7.73
N THR B 202 10.94 4.41 7.91
CA THR B 202 10.18 5.65 8.15
C THR B 202 10.82 6.47 9.25
N GLN B 203 11.06 5.87 10.41
CA GLN B 203 11.60 6.61 11.56
C GLN B 203 13.12 6.47 11.69
N LYS B 204 13.65 5.24 11.71
CA LYS B 204 15.10 4.96 11.82
C LYS B 204 15.68 4.38 10.53
N GLY B 205 16.94 4.64 10.26
CA GLY B 205 17.59 4.17 9.04
C GLY B 205 19.01 4.65 8.95
N ASN B 206 19.59 4.59 7.76
CA ASN B 206 20.94 5.05 7.50
C ASN B 206 20.82 5.95 6.25
N CYS B 207 21.92 6.27 5.57
CA CYS B 207 21.91 7.27 4.51
C CYS B 207 21.26 6.82 3.22
N SER B 208 20.81 5.56 3.17
CA SER B 208 20.00 5.06 2.05
C SER B 208 18.61 5.76 2.03
N ARG B 209 18.16 6.36 3.18
CA ARG B 209 17.06 7.34 3.21
C ARG B 209 17.20 8.49 2.22
N PHE B 210 18.44 8.83 1.77
CA PHE B 210 18.66 9.92 0.80
C PHE B 210 18.62 9.48 -0.62
N MET B 211 18.42 8.18 -0.89
CA MET B 211 18.35 7.63 -2.26
C MET B 211 17.08 8.14 -2.99
N ASN B 212 17.22 9.05 -3.96
CA ASN B 212 16.07 9.56 -4.66
C ASN B 212 15.53 8.56 -5.72
N HIS B 213 14.30 8.79 -6.15
CA HIS B 213 13.66 7.98 -7.16
C HIS B 213 14.16 8.39 -8.53
N SER B 214 14.25 7.43 -9.43
CA SER B 214 14.36 7.73 -10.83
C SER B 214 13.59 6.70 -11.58
N CYS B 215 13.05 7.14 -12.73
CA CYS B 215 12.26 6.29 -13.61
C CYS B 215 13.20 5.45 -14.46
N GLU B 216 14.47 5.90 -14.66
CA GLU B 216 15.60 5.23 -15.32
C GLU B 216 16.75 5.12 -14.28
N PRO B 217 16.66 4.19 -13.30
CA PRO B 217 17.57 4.27 -12.15
C PRO B 217 18.98 3.69 -12.42
N ASN B 218 19.92 3.94 -11.53
CA ASN B 218 21.26 3.31 -11.69
C ASN B 218 21.57 2.32 -10.57
N CYS B 219 20.63 2.14 -9.63
CA CYS B 219 20.71 1.17 -8.50
C CYS B 219 19.45 0.37 -8.46
N GLU B 220 19.55 -0.80 -7.82
CA GLU B 220 18.41 -1.67 -7.48
C GLU B 220 18.60 -2.21 -6.08
N THR B 221 17.55 -2.71 -5.48
CA THR B 221 17.61 -3.46 -4.24
C THR B 221 17.84 -4.93 -4.58
N GLN B 222 18.59 -5.61 -3.72
CA GLN B 222 18.76 -7.04 -3.81
C GLN B 222 18.61 -7.57 -2.41
N LYS B 223 17.95 -8.70 -2.27
CA LYS B 223 17.72 -9.34 -0.99
C LYS B 223 18.76 -10.46 -0.84
N TRP B 224 19.56 -10.41 0.22
CA TRP B 224 20.71 -11.27 0.45
C TRP B 224 20.51 -12.04 1.75
N THR B 225 21.08 -13.24 1.85
CA THR B 225 21.13 -13.98 3.10
C THR B 225 22.51 -13.84 3.70
N VAL B 226 22.55 -13.39 4.96
CA VAL B 226 23.77 -13.00 5.66
C VAL B 226 23.69 -13.65 7.02
N ASN B 227 24.57 -14.63 7.27
CA ASN B 227 24.56 -15.54 8.44
C ASN B 227 23.14 -16.02 8.86
N GLY B 228 22.32 -16.42 7.88
CA GLY B 228 20.97 -16.90 8.15
C GLY B 228 19.86 -15.86 8.14
N GLN B 229 20.20 -14.60 8.05
CA GLN B 229 19.24 -13.49 8.12
C GLN B 229 19.14 -12.79 6.77
N LEU B 230 17.93 -12.49 6.36
CA LEU B 230 17.69 -11.69 5.15
C LEU B 230 18.01 -10.22 5.40
N ARG B 231 18.71 -9.61 4.47
CA ARG B 231 19.03 -8.20 4.49
C ARG B 231 18.83 -7.67 3.10
N VAL B 232 18.63 -6.37 2.93
CA VAL B 232 18.51 -5.82 1.58
C VAL B 232 19.52 -4.70 1.41
N GLY B 233 20.08 -4.65 0.22
CA GLY B 233 21.08 -3.67 -0.12
C GLY B 233 20.76 -3.08 -1.45
N PHE B 234 21.30 -1.87 -1.67
CA PHE B 234 21.31 -1.17 -2.95
C PHE B 234 22.58 -1.54 -3.66
N PHE B 235 22.43 -1.88 -4.95
CA PHE B 235 23.53 -2.34 -5.80
C PHE B 235 23.42 -1.58 -7.10
N THR B 236 24.56 -1.13 -7.64
CA THR B 236 24.50 -0.41 -8.93
C THR B 236 24.10 -1.39 -10.01
N THR B 237 23.42 -0.90 -11.05
CA THR B 237 23.04 -1.73 -12.21
C THR B 237 23.88 -1.39 -13.45
N LYS B 238 24.73 -0.39 -13.33
CA LYS B 238 25.61 0.06 -14.41
C LYS B 238 26.79 0.71 -13.74
N LEU B 239 27.85 1.06 -14.52
CA LEU B 239 28.94 1.87 -14.03
C LEU B 239 28.39 3.26 -13.68
N VAL B 240 28.56 3.69 -12.41
CA VAL B 240 28.10 4.97 -11.93
C VAL B 240 29.37 5.82 -11.78
N PRO B 241 29.60 6.80 -12.68
CA PRO B 241 30.81 7.63 -12.54
C PRO B 241 30.77 8.47 -11.27
N SER B 242 31.95 8.89 -10.80
CA SER B 242 32.14 9.73 -9.63
C SER B 242 31.34 11.06 -9.84
N GLY B 243 30.66 11.52 -8.80
CA GLY B 243 29.82 12.72 -8.87
C GLY B 243 28.38 12.44 -9.30
N SER B 244 28.08 11.23 -9.80
CA SER B 244 26.74 10.92 -10.29
C SER B 244 25.82 10.61 -9.16
N GLU B 245 24.59 11.17 -9.22
CA GLU B 245 23.58 10.88 -8.22
C GLU B 245 23.21 9.40 -8.31
N LEU B 246 23.01 8.77 -7.16
CA LEU B 246 22.62 7.38 -7.08
C LEU B 246 21.11 7.33 -6.89
N THR B 247 20.43 6.52 -7.71
CA THR B 247 18.95 6.55 -7.76
C THR B 247 18.39 5.11 -7.79
N PHE B 248 17.14 4.91 -7.34
CA PHE B 248 16.46 3.62 -7.55
C PHE B 248 14.97 3.83 -7.91
N ASP B 249 14.34 2.79 -8.43
CA ASP B 249 12.94 2.87 -8.82
C ASP B 249 12.10 2.52 -7.59
N TYR B 250 11.36 3.51 -7.03
CA TYR B 250 10.60 3.36 -5.79
C TYR B 250 9.42 2.33 -5.87
N GLN B 251 9.03 1.89 -7.07
CA GLN B 251 8.01 0.85 -7.23
C GLN B 251 8.38 -0.50 -6.53
N PHE B 252 9.69 -0.79 -6.34
CA PHE B 252 10.17 -2.03 -5.72
C PHE B 252 10.27 -1.99 -4.15
N GLN B 253 9.68 -0.96 -3.53
CA GLN B 253 9.44 -0.88 -2.08
C GLN B 253 7.97 -0.57 -1.84
N ARG B 254 7.51 -0.61 -0.59
CA ARG B 254 6.14 -0.28 -0.18
C ARG B 254 6.16 0.96 0.73
N ALA B 259 1.57 10.48 -3.64
CA ALA B 259 2.14 10.77 -4.96
C ALA B 259 2.66 12.21 -5.13
N GLN B 260 3.79 12.35 -5.87
CA GLN B 260 4.50 13.62 -6.12
C GLN B 260 4.83 13.71 -7.63
N LYS B 261 5.02 14.92 -8.17
CA LYS B 261 5.62 15.08 -9.51
C LYS B 261 7.08 14.61 -9.41
N CYS B 262 7.59 13.88 -10.44
CA CYS B 262 8.95 13.32 -10.49
C CYS B 262 9.85 14.17 -11.38
N PHE B 263 10.92 14.73 -10.78
CA PHE B 263 11.92 15.58 -11.43
C PHE B 263 13.20 14.83 -11.80
N CYS B 264 13.08 13.52 -12.13
CA CYS B 264 14.24 12.66 -12.43
C CYS B 264 14.98 13.03 -13.76
N GLY B 265 14.36 13.86 -14.58
CA GLY B 265 14.95 14.35 -15.83
C GLY B 265 15.19 13.31 -16.91
N SER B 266 14.67 12.09 -16.72
CA SER B 266 14.85 10.98 -17.65
C SER B 266 13.82 11.07 -18.74
N ALA B 267 14.19 10.61 -19.94
CA ALA B 267 13.28 10.48 -21.08
C ALA B 267 11.99 9.71 -20.75
N ASN B 268 12.13 8.55 -20.08
CA ASN B 268 10.99 7.69 -19.75
C ASN B 268 10.29 8.07 -18.42
N CYS B 269 10.53 9.31 -17.95
CA CYS B 269 9.90 9.89 -16.75
C CYS B 269 8.41 9.60 -16.71
N ARG B 270 7.97 8.91 -15.67
CA ARG B 270 6.57 8.49 -15.51
C ARG B 270 5.67 9.68 -15.09
N GLY B 271 6.29 10.83 -14.87
CA GLY B 271 5.69 12.04 -14.36
C GLY B 271 5.58 12.04 -12.84
N TYR B 272 5.38 10.85 -12.23
CA TYR B 272 4.97 10.71 -10.82
C TYR B 272 5.62 9.46 -10.18
N LEU B 273 5.98 9.55 -8.86
CA LEU B 273 6.57 8.50 -7.97
C LEU B 273 7.45 9.14 -6.85
ZN ZN C . -28.58 6.79 15.91
ZN ZN D . -2.83 -12.72 -3.87
ZN ZN E . -0.36 -12.22 -0.83
S SCN F . 0.37 -10.79 -5.62
C SCN F . 0.14 -9.60 -6.93
N SCN F . 0.01 -8.85 -7.73
C1 76J G . -23.93 5.26 -0.50
C2 76J G . -24.27 5.10 0.97
C3 76J G . -25.41 5.99 1.47
C5 76J G . -27.69 6.96 0.95
C7 76J G . -29.97 6.41 2.00
C8 76J G . -30.61 5.13 2.54
C10 76J G . -33.05 4.86 2.08
C12 76J G . -34.10 4.39 1.05
C15 76J G . -29.93 7.58 3.00
C16 76J G . -31.28 8.03 3.60
O17 76J G . -31.93 6.99 4.36
C19 76J G . -32.47 9.03 5.44
C21 76J G . -31.18 9.19 4.61
C24 76J G . -30.73 6.23 6.72
C26 76J G . -31.30 6.44 8.77
C27 76J G . -31.45 6.46 10.17
C4 76J G . -26.44 6.31 0.41
N6 76J G . -28.59 5.97 1.58
C9 76J G . -31.65 4.52 1.64
N11 76J G . -33.31 4.26 3.41
O13 76J G . -33.77 4.44 -0.14
O14 76J G . -35.22 4.00 1.45
C18 76J G . -32.58 7.48 5.53
O20 76J G . -33.59 9.57 4.77
O22 76J G . -31.11 10.43 3.94
N23 76J G . -31.90 6.94 6.72
N25 76J G . -30.34 5.91 7.93
N28 76J G . -30.56 5.88 10.98
N29 76J G . -32.51 7.12 10.72
C30 76J G . -33.38 7.72 9.87
N31 76J G . -33.32 7.77 8.54
C32 76J G . -32.25 7.11 8.04
H44 76J G . -23.79 6.21 -0.70
H46 76J G . -23.10 4.78 -0.70
H45 76J G . -24.65 4.92 -1.05
H48 76J G . -23.46 5.29 1.50
H47 76J G . -24.51 4.16 1.13
H50 76J G . -25.03 6.83 1.79
H49 76J G . -25.85 5.54 2.21
H53 76J G . -27.45 7.64 1.62
H54 76J G . -28.18 7.42 0.22
H35 76J G . -30.46 6.70 1.20
H55 76J G . -29.90 4.45 2.68
H56 76J G . -31.01 5.32 3.39
H36 76J G . -33.12 5.84 2.16
H59 76J G . -29.53 8.34 2.56
H60 76J G . -29.35 7.34 3.74
H40 76J G . -31.87 8.30 2.85
H42 76J G . -32.35 9.43 6.33
H43 76J G . -30.39 9.09 5.18
H63 76J G . -30.27 5.97 5.93
H51 76J G . -26.03 6.90 -0.26
H52 76J G . -26.69 5.48 -0.04
H34 76J G . -28.15 5.63 2.32
H33 76J G . -28.69 5.27 1.00
H57 76J G . -31.51 4.84 0.72
H58 76J G . -31.55 3.55 1.65
H38 76J G . -33.03 4.82 4.06
H39 76J G . -32.86 3.46 3.49
H37 76J G . -34.20 4.10 3.51
H41 76J G . -33.52 7.19 5.56
H61 76J G . -33.47 10.41 4.67
H62 76J G . -30.36 10.46 3.51
H64 76J G . -30.67 5.97 11.84
H65 76J G . -30.12 5.19 10.69
H66 76J G . -34.10 8.16 10.27
ZN ZN H . 32.94 -18.70 -3.07
ZN ZN I . 33.75 -16.66 0.14
ZN ZN J . 10.74 10.35 -13.23
S SCN K . 32.20 -19.85 1.34
C SCN K . 31.27 -20.02 2.89
N SCN K . 30.66 -20.15 3.85
C1 76J L . 14.72 3.93 2.28
C2 76J L . 14.83 4.22 0.81
C3 76J L . 13.85 5.26 0.33
C5 76J L . 13.00 7.62 0.63
C7 76J L . 13.36 10.07 0.04
C8 76J L . 14.49 10.92 -0.56
C10 76J L . 14.71 13.31 0.23
C12 76J L . 15.29 14.19 1.36
C15 76J L . 11.97 10.18 -0.65
C16 76J L . 11.36 11.58 -0.81
O17 76J L . 12.24 12.46 -1.54
C19 76J L . 10.03 12.95 -2.30
C21 76J L . 10.05 11.55 -1.65
C24 76J L . 12.66 11.45 -4.13
C26 76J L . 12.24 12.35 -6.05
C27 76J L . 12.07 12.74 -7.39
C4 76J L . 13.81 6.48 1.20
N6 76J L . 13.85 8.64 -0.04
C9 76J L . 15.12 11.86 0.41
N11 76J L . 15.16 13.81 -1.10
O13 76J L . 15.59 15.37 1.07
O14 76J L . 15.41 13.67 2.48
C18 76J L . 11.55 13.15 -2.58
O20 76J L . 9.54 13.93 -1.42
O22 76J L . 8.90 11.23 -0.89
N23 76J L . 11.96 12.62 -3.88
N25 76J L . 12.85 11.27 -5.42
N28 76J L . 12.54 12.04 -8.42
N29 76J L . 11.39 13.88 -7.68
C30 76J L . 10.90 14.58 -6.65
N31 76J L . 11.01 14.31 -5.34
C32 76J L . 11.69 13.18 -5.11
H44 76J L . 13.78 3.85 2.53
H46 76J L . 15.18 3.09 2.49
H45 76J L . 15.14 4.65 2.80
H48 76J L . 14.68 3.38 0.31
H47 76J L . 15.74 4.52 0.61
H50 76J L . 12.96 4.86 0.29
H49 76J L . 14.10 5.53 -0.59
H53 76J L . 12.36 7.27 -0.03
H54 76J L . 12.50 8.05 1.33
H35 76J L . 13.24 10.31 0.99
H55 76J L . 15.17 10.32 -0.92
H56 76J L . 14.12 11.43 -1.30
H36 76J L . 13.74 13.37 0.26
H59 76J L . 11.34 9.63 -0.14
H60 76J L . 12.05 9.78 -1.54
H40 76J L . 11.18 11.96 0.08
H42 76J L . 9.52 12.94 -3.13
H43 76J L . 10.15 10.88 -2.35
H63 76J L . 12.98 10.88 -3.45
H51 76J L . 13.43 6.23 2.07
H52 76J L . 14.72 6.79 1.36
H34 76J L . 13.93 8.42 -0.93
H33 76J L . 14.68 8.61 0.33
H57 76J L . 14.89 11.58 1.31
H58 76J L . 16.10 11.78 0.31
H38 76J L . 14.55 13.60 -1.74
H39 76J L . 15.97 13.44 -1.33
H37 76J L . 15.26 14.72 -1.09
H41 76J L . 11.77 14.11 -2.56
H61 76J L . 8.67 13.94 -1.46
H62 76J L . 8.79 11.83 -0.27
H64 76J L . 12.43 12.36 -9.25
H65 76J L . 12.63 11.16 -8.32
H66 76J L . 10.44 15.37 -6.87
#